data_5WV9
#
_entry.id   5WV9
#
_cell.length_a   71.781
_cell.length_b   71.781
_cell.length_c   193.435
_cell.angle_alpha   90.00
_cell.angle_beta   90.00
_cell.angle_gamma   90.00
#
_symmetry.space_group_name_H-M   'P 41 21 2'
#
loop_
_entity.id
_entity.type
_entity.pdbx_description
1 polymer Chitinase
2 branched 2-acetamido-2-deoxy-beta-D-glucopyranose-(1-4)-2-acetamido-2-deoxy-beta-D-glucopyranose-(1-4)-2-acetamido-2-deoxy-beta-D-glucopyranose
3 water water
#
_entity_poly.entity_id   1
_entity_poly.type   'polypeptide(L)'
_entity_poly.pdbx_seq_one_letter_code
;MWPPRLLSCIFTIILIVAVIAPTSDSTTVRRRLRKPSKSVSVTSSVSRSTDQVISASVNRPKIRGRPSVASRKSSAALDN
SVGTDDHKDKDGYKIVCYYTNWSQYRTKIGKFMPEDIQPELCTHIIFAFGWLKKGKLSSFESNDETKDGKTGLYDRINAL
KKANPKLKTLLAIGGWSFGTQKFKEMSATRYARQTFIYSAIPYLRDRNFDGLDIDWEYPKGGDDKKNYVLLLKELREAFE
AEAQEVKKPRLLLTAAVPVGPDNIKSGYDVPAVASYLDFINLMAYDFHGKWERETGHNAPLYAPSSDSEWRKQLSVDHAA
HLWVKLGAPKEKLIIGMPTYGRTFTLSNPNNFKVNSPASGGGKAGEYTKESGFLAYYEVCEILRNGGAYVWDDEMKVPYA
IHGDQWVGFDDEKSIRNKMRWIKDNSFGGAMVWTVDMDDFSGGVCGGNVKYPLIGAMREELRGISRGKDAKDVDWASVAA
SV
;
_entity_poly.pdbx_strand_id   A
#
loop_
_chem_comp.id
_chem_comp.type
_chem_comp.name
_chem_comp.formula
NAG D-saccharide, beta linking 2-acetamido-2-deoxy-beta-D-glucopyranose 'C8 H15 N O6'
#
# COMPACT_ATOMS: atom_id res chain seq x y z
N ASP A 91 -20.81 -3.75 1.33
CA ASP A 91 -20.64 -2.91 0.15
C ASP A 91 -20.19 -1.50 0.51
N GLY A 92 -20.23 -0.57 -0.45
CA GLY A 92 -19.68 0.76 -0.27
C GLY A 92 -18.21 0.83 -0.67
N TYR A 93 -17.52 1.90 -0.26
CA TYR A 93 -16.11 2.06 -0.54
C TYR A 93 -15.29 1.08 0.28
N LYS A 94 -14.21 0.55 -0.30
CA LYS A 94 -13.34 -0.37 0.41
C LYS A 94 -12.23 0.38 1.14
N ILE A 95 -11.81 -0.16 2.28
CA ILE A 95 -10.63 0.32 2.99
C ILE A 95 -9.66 -0.87 3.09
N VAL A 96 -8.70 -0.92 2.18
CA VAL A 96 -7.88 -2.12 2.06
C VAL A 96 -6.52 -1.88 2.72
N CYS A 97 -6.27 -2.57 3.81
CA CYS A 97 -5.06 -2.33 4.60
C CYS A 97 -4.00 -3.41 4.48
N TYR A 98 -2.80 -3.05 4.07
CA TYR A 98 -1.70 -4.01 4.10
C TYR A 98 -1.08 -4.06 5.49
N TYR A 99 -0.96 -5.27 6.02
CA TYR A 99 -0.19 -5.54 7.23
C TYR A 99 1.12 -6.21 6.84
N THR A 100 2.24 -5.71 7.36
CA THR A 100 3.52 -6.32 6.99
C THR A 100 4.08 -7.13 8.16
N ASN A 101 4.45 -8.37 7.89
CA ASN A 101 4.85 -9.24 8.99
C ASN A 101 6.22 -8.83 9.59
N TRP A 102 7.02 -8.05 8.86
CA TRP A 102 8.31 -7.63 9.41
C TRP A 102 8.16 -6.45 10.39
N SER A 103 6.96 -5.88 10.48
CA SER A 103 6.71 -4.82 11.45
C SER A 103 6.83 -5.33 12.88
N GLN A 104 6.77 -6.65 13.04
CA GLN A 104 6.91 -7.29 14.35
C GLN A 104 8.30 -7.07 14.94
N TYR A 105 9.30 -6.77 14.11
CA TYR A 105 10.68 -6.67 14.58
C TYR A 105 11.12 -5.25 14.96
N ARG A 106 10.25 -4.27 14.75
CA ARG A 106 10.60 -2.89 15.11
C ARG A 106 10.62 -2.68 16.62
N THR A 107 11.38 -1.69 17.07
CA THR A 107 11.55 -1.40 18.48
C THR A 107 10.69 -0.29 19.01
N LYS A 108 10.39 -0.37 20.28
CA LYS A 108 9.83 0.76 21.01
C LYS A 108 8.63 1.20 20.20
N ILE A 109 8.40 2.50 20.06
CA ILE A 109 7.16 3.02 19.55
C ILE A 109 6.81 2.36 18.24
N GLY A 110 7.81 1.86 17.53
CA GLY A 110 7.60 1.25 16.23
C GLY A 110 7.06 -0.18 16.27
N LYS A 111 7.19 -0.85 17.42
CA LYS A 111 6.76 -2.24 17.52
C LYS A 111 5.26 -2.40 17.27
N PHE A 112 4.93 -3.27 16.33
CA PHE A 112 3.56 -3.48 15.89
C PHE A 112 3.23 -4.97 15.93
N MET A 113 2.01 -5.28 16.33
CA MET A 113 1.54 -6.66 16.33
C MET A 113 0.11 -6.68 15.80
N PRO A 114 -0.36 -7.83 15.31
CA PRO A 114 -1.72 -7.92 14.75
C PRO A 114 -2.79 -7.33 15.69
N GLU A 115 -2.63 -7.51 16.99
CA GLU A 115 -3.64 -7.02 17.93
C GLU A 115 -3.70 -5.50 18.03
N ASP A 116 -2.74 -4.81 17.43
CA ASP A 116 -2.76 -3.35 17.36
C ASP A 116 -3.76 -2.84 16.32
N ILE A 117 -4.18 -3.72 15.42
CA ILE A 117 -5.19 -3.37 14.43
C ILE A 117 -6.60 -3.42 15.04
N GLN A 118 -7.37 -2.35 14.84
CA GLN A 118 -8.78 -2.38 15.24
C GLN A 118 -9.59 -3.16 14.20
N PRO A 119 -10.39 -4.14 14.65
CA PRO A 119 -11.14 -5.01 13.75
C PRO A 119 -12.04 -4.26 12.79
N GLU A 120 -12.54 -3.10 13.21
CA GLU A 120 -13.44 -2.29 12.39
C GLU A 120 -12.73 -1.20 11.58
N LEU A 121 -11.40 -1.16 11.65
CA LEU A 121 -10.66 -0.10 10.94
C LEU A 121 -10.76 -0.27 9.42
N CYS A 122 -10.54 -1.48 8.95
CA CYS A 122 -10.47 -1.74 7.50
C CYS A 122 -11.58 -2.70 7.06
N THR A 123 -11.91 -2.68 5.77
CA THR A 123 -12.85 -3.67 5.24
C THR A 123 -12.08 -4.94 4.83
N HIS A 124 -10.84 -4.74 4.36
CA HIS A 124 -9.94 -5.83 4.03
C HIS A 124 -8.56 -5.64 4.65
N ILE A 125 -7.97 -6.73 5.13
CA ILE A 125 -6.57 -6.71 5.55
C ILE A 125 -5.77 -7.67 4.67
N ILE A 126 -4.71 -7.19 4.05
CA ILE A 126 -3.89 -8.04 3.21
C ILE A 126 -2.58 -8.29 3.95
N PHE A 127 -2.24 -9.56 4.10
CA PHE A 127 -1.05 -10.00 4.84
C PHE A 127 0.15 -10.06 3.89
N ALA A 128 1.10 -9.16 4.09
CA ALA A 128 2.34 -9.14 3.33
C ALA A 128 3.48 -9.72 4.17
N PHE A 129 4.04 -10.87 3.79
CA PHE A 129 3.70 -11.62 2.58
C PHE A 129 3.72 -13.11 2.86
N GLY A 130 3.12 -13.89 1.96
CA GLY A 130 3.41 -15.31 1.88
C GLY A 130 4.68 -15.45 1.05
N TRP A 131 4.93 -16.63 0.54
CA TRP A 131 6.15 -16.82 -0.22
C TRP A 131 5.92 -17.96 -1.20
N LEU A 132 6.91 -18.23 -2.02
CA LEU A 132 6.88 -19.35 -2.95
C LEU A 132 8.03 -20.29 -2.67
N LYS A 133 7.76 -21.58 -2.53
CA LYS A 133 8.83 -22.57 -2.43
C LYS A 133 8.47 -23.79 -3.27
N LYS A 134 9.38 -24.16 -4.18
CA LYS A 134 9.19 -25.25 -5.13
C LYS A 134 7.91 -25.07 -5.94
N GLY A 135 7.68 -23.84 -6.38
CA GLY A 135 6.53 -23.51 -7.22
C GLY A 135 5.20 -23.46 -6.50
N LYS A 136 5.22 -23.57 -5.17
CA LYS A 136 3.98 -23.64 -4.40
C LYS A 136 3.90 -22.54 -3.34
N LEU A 137 2.66 -22.13 -3.03
CA LEU A 137 2.42 -21.13 -2.01
C LEU A 137 2.95 -21.62 -0.66
N SER A 138 3.73 -20.79 0.00
CA SER A 138 4.31 -21.21 1.25
C SER A 138 4.51 -20.03 2.19
N SER A 139 5.03 -20.34 3.39
CA SER A 139 5.17 -19.35 4.45
C SER A 139 6.46 -18.57 4.27
N PHE A 140 6.37 -17.29 4.57
CA PHE A 140 7.53 -16.44 4.56
C PHE A 140 8.56 -16.80 5.63
N GLU A 141 8.05 -17.16 6.81
CA GLU A 141 8.87 -17.40 7.98
C GLU A 141 8.05 -18.33 8.88
N SER A 142 8.72 -19.17 9.65
CA SER A 142 8.03 -20.16 10.46
C SER A 142 7.04 -19.51 11.45
N ASN A 143 7.37 -18.32 11.95
CA ASN A 143 6.52 -17.70 12.98
C ASN A 143 5.22 -17.08 12.42
N ASP A 144 5.00 -17.20 11.11
CA ASP A 144 3.71 -16.83 10.54
C ASP A 144 2.72 -17.96 10.77
N GLU A 145 3.28 -19.16 10.85
CA GLU A 145 2.51 -20.40 11.05
C GLU A 145 2.24 -20.66 12.52
N THR A 146 1.18 -21.42 12.76
CA THR A 146 0.89 -21.92 14.11
C THR A 146 1.44 -23.34 14.25
N LYS A 147 2.26 -23.55 15.28
CA LYS A 147 2.80 -24.88 15.54
C LYS A 147 3.20 -25.01 17.01
N ASP A 148 2.95 -26.20 17.57
CA ASP A 148 3.35 -26.52 18.94
C ASP A 148 2.74 -25.58 19.99
N GLY A 149 1.45 -25.33 19.90
CA GLY A 149 0.76 -24.53 20.90
C GLY A 149 1.07 -23.04 20.84
N LYS A 150 1.92 -22.63 19.90
CA LYS A 150 2.26 -21.22 19.76
C LYS A 150 1.53 -20.62 18.56
N THR A 151 0.65 -19.67 18.83
CA THR A 151 -0.16 -19.04 17.78
C THR A 151 0.74 -18.20 16.85
N GLY A 152 0.62 -18.41 15.54
CA GLY A 152 1.41 -17.67 14.57
C GLY A 152 0.76 -16.37 14.14
N LEU A 153 1.45 -15.56 13.34
CA LEU A 153 0.90 -14.26 12.91
C LEU A 153 -0.33 -14.40 12.01
N TYR A 154 -0.37 -15.44 11.17
CA TYR A 154 -1.54 -15.69 10.34
C TYR A 154 -2.82 -15.75 11.20
N ASP A 155 -2.79 -16.57 12.25
CA ASP A 155 -3.94 -16.78 13.13
C ASP A 155 -4.31 -15.51 13.90
N ARG A 156 -3.29 -14.77 14.33
CA ARG A 156 -3.53 -13.55 15.09
C ARG A 156 -4.12 -12.45 14.21
N ILE A 157 -3.75 -12.43 12.94
CA ILE A 157 -4.41 -11.50 12.02
C ILE A 157 -5.85 -11.97 11.77
N ASN A 158 -6.02 -13.26 11.52
CA ASN A 158 -7.34 -13.75 11.17
C ASN A 158 -8.31 -13.76 12.36
N ALA A 159 -7.75 -13.75 13.57
CA ALA A 159 -8.56 -13.65 14.80
C ALA A 159 -9.33 -12.34 14.86
N LEU A 160 -8.92 -11.35 14.08
CA LEU A 160 -9.65 -10.09 14.04
C LEU A 160 -11.06 -10.27 13.49
N LYS A 161 -11.27 -11.31 12.69
CA LYS A 161 -12.59 -11.59 12.12
C LYS A 161 -13.59 -12.10 13.16
N LYS A 162 -13.11 -12.52 14.32
CA LYS A 162 -14.00 -12.91 15.41
C LYS A 162 -14.76 -11.69 15.94
N ALA A 163 -14.06 -10.56 16.08
CA ALA A 163 -14.70 -9.34 16.53
C ALA A 163 -15.43 -8.60 15.42
N ASN A 164 -14.99 -8.80 14.17
CA ASN A 164 -15.66 -8.18 13.02
C ASN A 164 -15.85 -9.21 11.91
N PRO A 165 -16.96 -9.95 11.95
CA PRO A 165 -17.18 -11.03 10.98
C PRO A 165 -17.33 -10.56 9.53
N LYS A 166 -17.55 -9.26 9.30
CA LYS A 166 -17.58 -8.73 7.94
C LYS A 166 -16.18 -8.52 7.35
N LEU A 167 -15.17 -8.46 8.22
CA LEU A 167 -13.79 -8.28 7.78
C LEU A 167 -13.29 -9.42 6.86
N LYS A 168 -12.63 -9.06 5.77
CA LYS A 168 -12.02 -10.02 4.85
C LYS A 168 -10.49 -9.96 4.92
N THR A 169 -9.84 -11.10 4.90
CA THR A 169 -8.38 -11.14 4.85
C THR A 169 -7.87 -11.82 3.58
N LEU A 170 -6.74 -11.37 3.09
CA LEU A 170 -6.12 -11.98 1.93
C LEU A 170 -4.64 -12.14 2.24
N LEU A 171 -4.01 -13.09 1.58
CA LEU A 171 -2.57 -13.30 1.67
C LEU A 171 -1.93 -12.75 0.40
N ALA A 172 -0.95 -11.88 0.56
CA ALA A 172 -0.25 -11.37 -0.61
C ALA A 172 0.98 -12.23 -0.93
N ILE A 173 1.25 -12.46 -2.21
CA ILE A 173 2.49 -13.09 -2.60
C ILE A 173 3.25 -12.15 -3.53
N GLY A 174 4.53 -11.96 -3.24
CA GLY A 174 5.38 -11.15 -4.08
C GLY A 174 5.98 -10.01 -3.28
N GLY A 175 5.98 -8.84 -3.86
CA GLY A 175 6.59 -7.69 -3.23
C GLY A 175 7.97 -7.42 -3.82
N TRP A 176 8.65 -6.45 -3.25
N TRP A 176 8.66 -6.45 -3.25
CA TRP A 176 9.95 -6.01 -3.74
CA TRP A 176 9.95 -6.02 -3.78
C TRP A 176 11.04 -7.06 -3.53
C TRP A 176 11.05 -7.06 -3.53
N SER A 177 11.12 -7.62 -2.32
CA SER A 177 12.16 -8.62 -2.00
C SER A 177 12.04 -9.88 -2.85
N PHE A 178 10.81 -10.28 -3.13
CA PHE A 178 10.50 -11.52 -3.83
C PHE A 178 11.11 -11.53 -5.24
N GLY A 179 11.19 -10.36 -5.86
CA GLY A 179 11.75 -10.26 -7.19
C GLY A 179 10.84 -10.83 -8.27
N THR A 180 11.41 -11.13 -9.43
CA THR A 180 10.59 -11.48 -10.59
C THR A 180 10.79 -12.91 -11.09
N GLN A 181 11.98 -13.46 -10.81
CA GLN A 181 12.33 -14.72 -11.45
C GLN A 181 11.39 -15.85 -11.02
N LYS A 182 11.02 -15.91 -9.74
CA LYS A 182 10.12 -16.96 -9.28
C LYS A 182 8.73 -16.82 -9.90
N PHE A 183 8.31 -15.59 -10.21
CA PHE A 183 7.02 -15.40 -10.88
C PHE A 183 7.12 -15.84 -12.35
N LYS A 184 8.24 -15.50 -13.00
CA LYS A 184 8.45 -15.87 -14.40
C LYS A 184 8.37 -17.37 -14.57
N GLU A 185 9.03 -18.08 -13.66
CA GLU A 185 9.03 -19.55 -13.70
C GLU A 185 7.66 -20.13 -13.40
N MET A 186 7.02 -19.58 -12.39
CA MET A 186 5.72 -20.12 -11.99
C MET A 186 4.66 -19.85 -13.07
N SER A 187 4.79 -18.75 -13.79
CA SER A 187 3.76 -18.38 -14.77
C SER A 187 4.03 -18.92 -16.19
N ALA A 188 5.22 -19.50 -16.39
CA ALA A 188 5.72 -19.73 -17.74
C ALA A 188 4.99 -20.86 -18.47
N THR A 189 4.51 -21.85 -17.73
CA THR A 189 3.81 -22.96 -18.34
C THR A 189 2.52 -23.22 -17.60
N ARG A 190 1.61 -23.91 -18.27
CA ARG A 190 0.35 -24.31 -17.65
C ARG A 190 0.60 -25.24 -16.45
N TYR A 191 1.51 -26.18 -16.61
CA TYR A 191 1.85 -27.08 -15.51
C TYR A 191 2.37 -26.30 -14.29
N ALA A 192 3.27 -25.33 -14.49
CA ALA A 192 3.78 -24.53 -13.36
C ALA A 192 2.70 -23.67 -12.72
N ARG A 193 1.86 -23.06 -13.55
CA ARG A 193 0.75 -22.27 -13.05
C ARG A 193 -0.21 -23.11 -12.21
N GLN A 194 -0.64 -24.25 -12.74
CA GLN A 194 -1.61 -25.10 -12.06
C GLN A 194 -1.01 -25.72 -10.81
N THR A 195 0.31 -25.94 -10.83
CA THR A 195 0.99 -26.43 -9.66
C THR A 195 0.84 -25.41 -8.53
N PHE A 196 1.11 -24.15 -8.85
CA PHE A 196 0.91 -23.08 -7.90
C PHE A 196 -0.56 -23.00 -7.45
N ILE A 197 -1.46 -22.94 -8.42
CA ILE A 197 -2.89 -22.74 -8.13
C ILE A 197 -3.47 -23.80 -7.19
N TYR A 198 -3.21 -25.07 -7.47
CA TYR A 198 -3.78 -26.13 -6.64
C TYR A 198 -3.04 -26.25 -5.31
N SER A 199 -1.90 -25.58 -5.18
CA SER A 199 -1.26 -25.44 -3.87
C SER A 199 -1.85 -24.26 -3.08
N ALA A 200 -2.29 -23.23 -3.81
CA ALA A 200 -2.72 -21.97 -3.20
C ALA A 200 -4.06 -22.16 -2.50
N ILE A 201 -4.97 -22.87 -3.14
CA ILE A 201 -6.33 -23.02 -2.61
C ILE A 201 -6.35 -23.69 -1.22
N PRO A 202 -5.74 -24.89 -1.06
CA PRO A 202 -5.77 -25.43 0.30
C PRO A 202 -4.92 -24.62 1.27
N TYR A 203 -3.83 -24.03 0.80
CA TYR A 203 -3.00 -23.21 1.67
C TYR A 203 -3.84 -22.11 2.31
N LEU A 204 -4.63 -21.43 1.48
CA LEU A 204 -5.50 -20.34 1.95
C LEU A 204 -6.66 -20.84 2.80
N ARG A 205 -7.33 -21.91 2.34
CA ARG A 205 -8.48 -22.44 3.06
C ARG A 205 -8.09 -22.98 4.44
N ASP A 206 -6.98 -23.72 4.50
CA ASP A 206 -6.54 -24.29 5.78
C ASP A 206 -6.17 -23.23 6.81
N ARG A 207 -5.87 -22.01 6.35
CA ARG A 207 -5.44 -20.94 7.25
C ARG A 207 -6.47 -19.84 7.35
N ASN A 208 -7.67 -20.06 6.80
CA ASN A 208 -8.78 -19.14 7.02
C ASN A 208 -8.53 -17.78 6.37
N PHE A 209 -7.82 -17.77 5.24
CA PHE A 209 -7.74 -16.56 4.43
C PHE A 209 -8.89 -16.51 3.44
N ASP A 210 -9.34 -15.29 3.12
CA ASP A 210 -10.48 -15.10 2.23
C ASP A 210 -10.08 -14.85 0.79
N GLY A 211 -8.79 -14.79 0.51
CA GLY A 211 -8.35 -14.60 -0.86
C GLY A 211 -6.85 -14.44 -1.02
N LEU A 212 -6.43 -14.19 -2.25
CA LEU A 212 -5.04 -14.12 -2.63
C LEU A 212 -4.78 -12.81 -3.38
N ASP A 213 -3.72 -12.12 -2.98
CA ASP A 213 -3.30 -10.86 -3.61
C ASP A 213 -1.97 -11.09 -4.34
N ILE A 214 -1.95 -10.83 -5.64
CA ILE A 214 -0.75 -11.08 -6.43
C ILE A 214 0.09 -9.81 -6.59
N ASP A 215 1.31 -9.82 -6.06
CA ASP A 215 2.14 -8.63 -6.04
C ASP A 215 3.47 -8.84 -6.78
N TRP A 216 3.35 -9.18 -8.05
CA TRP A 216 4.50 -9.35 -8.94
C TRP A 216 5.02 -7.99 -9.38
N GLU A 217 6.27 -7.70 -9.02
CA GLU A 217 6.87 -6.42 -9.33
C GLU A 217 8.15 -6.54 -10.17
N TYR A 218 8.04 -6.58 -11.50
CA TYR A 218 6.79 -6.49 -12.27
C TYR A 218 6.90 -7.42 -13.46
N PRO A 219 5.75 -7.94 -13.95
CA PRO A 219 5.82 -8.58 -15.26
C PRO A 219 6.36 -7.57 -16.26
N LYS A 220 7.24 -8.02 -17.16
CA LYS A 220 7.89 -7.14 -18.10
C LYS A 220 8.19 -7.90 -19.39
N GLY A 221 7.77 -7.34 -20.52
CA GLY A 221 7.96 -7.98 -21.81
C GLY A 221 6.76 -8.82 -22.22
N GLY A 222 6.71 -9.15 -23.51
CA GLY A 222 5.57 -9.84 -24.08
C GLY A 222 5.26 -11.18 -23.46
N ASP A 223 6.28 -11.94 -23.07
CA ASP A 223 6.02 -13.25 -22.47
C ASP A 223 5.33 -13.09 -21.10
N ASP A 224 5.90 -12.26 -20.24
CA ASP A 224 5.30 -11.98 -18.93
C ASP A 224 3.88 -11.44 -19.07
N LYS A 225 3.69 -10.55 -20.04
CA LYS A 225 2.40 -9.90 -20.22
C LYS A 225 1.31 -10.93 -20.50
N LYS A 226 1.57 -11.87 -21.41
CA LYS A 226 0.67 -12.99 -21.66
C LYS A 226 0.53 -13.94 -20.48
N ASN A 227 1.67 -14.34 -19.90
CA ASN A 227 1.65 -15.38 -18.90
C ASN A 227 0.99 -14.89 -17.60
N TYR A 228 1.10 -13.59 -17.32
CA TYR A 228 0.43 -12.98 -16.17
C TYR A 228 -1.09 -13.08 -16.28
N VAL A 229 -1.61 -12.72 -17.45
CA VAL A 229 -3.02 -12.88 -17.74
C VAL A 229 -3.42 -14.33 -17.58
N LEU A 230 -2.62 -15.26 -18.13
CA LEU A 230 -2.93 -16.68 -18.02
C LEU A 230 -2.96 -17.12 -16.56
N LEU A 231 -2.03 -16.62 -15.74
CA LEU A 231 -2.03 -16.96 -14.32
C LEU A 231 -3.31 -16.48 -13.62
N LEU A 232 -3.67 -15.22 -13.85
CA LEU A 232 -4.87 -14.64 -13.23
C LEU A 232 -6.12 -15.36 -13.69
N LYS A 233 -6.19 -15.63 -14.98
CA LYS A 233 -7.33 -16.31 -15.60
C LYS A 233 -7.56 -17.67 -14.96
N GLU A 234 -6.48 -18.43 -14.81
CA GLU A 234 -6.58 -19.79 -14.27
C GLU A 234 -6.80 -19.80 -12.76
N LEU A 235 -6.18 -18.84 -12.07
CA LEU A 235 -6.50 -18.63 -10.65
C LEU A 235 -8.01 -18.37 -10.46
N ARG A 236 -8.53 -17.42 -11.23
CA ARG A 236 -9.93 -17.01 -11.09
C ARG A 236 -10.87 -18.16 -11.43
N GLU A 237 -10.61 -18.92 -12.50
CA GLU A 237 -11.54 -20.00 -12.79
C GLU A 237 -11.42 -21.15 -11.79
N ALA A 238 -10.24 -21.36 -11.20
CA ALA A 238 -10.10 -22.41 -10.19
C ALA A 238 -10.79 -21.97 -8.91
N PHE A 239 -10.67 -20.69 -8.57
CA PHE A 239 -11.38 -20.18 -7.39
C PHE A 239 -12.90 -20.34 -7.58
N GLU A 240 -13.39 -20.04 -8.78
CA GLU A 240 -14.82 -20.15 -9.07
C GLU A 240 -15.27 -21.61 -8.92
N ALA A 241 -14.49 -22.55 -9.44
CA ALA A 241 -14.86 -23.98 -9.37
C ALA A 241 -14.85 -24.50 -7.94
N GLU A 242 -13.83 -24.11 -7.17
CA GLU A 242 -13.76 -24.52 -5.78
C GLU A 242 -14.97 -24.03 -4.98
N ALA A 243 -15.33 -22.76 -5.17
CA ALA A 243 -16.45 -22.17 -4.43
C ALA A 243 -17.72 -23.00 -4.62
N GLN A 244 -17.94 -23.47 -5.84
CA GLN A 244 -19.14 -24.21 -6.18
C GLN A 244 -19.11 -25.62 -5.59
N GLU A 245 -17.92 -26.22 -5.54
CA GLU A 245 -17.77 -27.56 -4.98
C GLU A 245 -17.89 -27.59 -3.46
N VAL A 246 -17.28 -26.62 -2.78
CA VAL A 246 -17.31 -26.62 -1.31
C VAL A 246 -18.46 -25.80 -0.72
N LYS A 247 -19.15 -25.07 -1.58
CA LYS A 247 -20.30 -24.25 -1.14
C LYS A 247 -19.91 -23.27 -0.04
N LYS A 248 -18.87 -22.48 -0.31
CA LYS A 248 -18.44 -21.40 0.56
C LYS A 248 -18.27 -20.17 -0.33
N PRO A 249 -18.24 -18.96 0.27
CA PRO A 249 -18.01 -17.81 -0.63
C PRO A 249 -16.65 -17.95 -1.31
N ARG A 250 -16.58 -17.53 -2.56
CA ARG A 250 -15.39 -17.71 -3.35
C ARG A 250 -14.21 -16.92 -2.81
N LEU A 251 -13.03 -17.54 -2.85
CA LEU A 251 -11.79 -16.84 -2.59
C LEU A 251 -11.65 -15.63 -3.51
N LEU A 252 -11.27 -14.49 -2.93
CA LEU A 252 -11.00 -13.29 -3.72
C LEU A 252 -9.64 -13.37 -4.43
N LEU A 253 -9.57 -12.77 -5.61
CA LEU A 253 -8.30 -12.60 -6.31
C LEU A 253 -8.07 -11.13 -6.57
N THR A 254 -6.96 -10.60 -6.05
CA THR A 254 -6.62 -9.22 -6.28
C THR A 254 -5.17 -9.09 -6.68
N ALA A 255 -4.76 -7.89 -7.07
CA ALA A 255 -3.36 -7.66 -7.35
C ALA A 255 -2.96 -6.22 -7.04
N ALA A 256 -1.70 -6.05 -6.64
CA ALA A 256 -1.12 -4.72 -6.50
C ALA A 256 -0.41 -4.37 -7.79
N VAL A 257 -0.74 -3.22 -8.36
CA VAL A 257 -0.24 -2.88 -9.69
C VAL A 257 0.42 -1.50 -9.71
N PRO A 258 1.35 -1.27 -10.66
CA PRO A 258 2.18 -0.06 -10.67
C PRO A 258 1.52 1.18 -11.26
N VAL A 259 2.14 2.33 -11.02
CA VAL A 259 1.65 3.60 -11.52
C VAL A 259 2.54 4.16 -12.61
N GLY A 260 3.71 3.57 -12.84
CA GLY A 260 4.60 4.07 -13.87
C GLY A 260 4.11 3.66 -15.25
N PRO A 261 3.96 4.63 -16.17
CA PRO A 261 3.36 4.30 -17.48
C PRO A 261 4.15 3.25 -18.27
N ASP A 262 5.48 3.31 -18.20
CA ASP A 262 6.32 2.30 -18.85
C ASP A 262 6.09 0.90 -18.27
N ASN A 263 6.06 0.80 -16.94
CA ASN A 263 5.77 -0.47 -16.27
C ASN A 263 4.41 -1.03 -16.70
N ILE A 264 3.41 -0.17 -16.68
CA ILE A 264 2.06 -0.58 -17.08
C ILE A 264 2.05 -1.10 -18.52
N LYS A 265 2.59 -0.32 -19.44
CA LYS A 265 2.55 -0.72 -20.84
C LYS A 265 3.30 -2.03 -21.08
N SER A 266 4.45 -2.18 -20.43
CA SER A 266 5.30 -3.35 -20.67
C SER A 266 4.68 -4.64 -20.15
N GLY A 267 4.04 -4.59 -18.99
CA GLY A 267 3.64 -5.82 -18.33
C GLY A 267 2.16 -6.14 -18.23
N TYR A 268 1.29 -5.18 -18.59
CA TYR A 268 -0.11 -5.32 -18.18
C TYR A 268 -1.08 -5.21 -19.34
N ASP A 269 -1.73 -6.35 -19.61
CA ASP A 269 -2.84 -6.41 -20.53
C ASP A 269 -4.08 -5.98 -19.71
N VAL A 270 -4.25 -4.68 -19.56
CA VAL A 270 -5.16 -4.14 -18.55
C VAL A 270 -6.61 -4.65 -18.65
N PRO A 271 -7.18 -4.74 -19.87
CA PRO A 271 -8.57 -5.20 -19.90
C PRO A 271 -8.74 -6.62 -19.38
N ALA A 272 -7.84 -7.53 -19.73
CA ALA A 272 -7.93 -8.92 -19.28
C ALA A 272 -7.60 -9.04 -17.81
N VAL A 273 -6.55 -8.34 -17.38
CA VAL A 273 -6.17 -8.32 -15.97
C VAL A 273 -7.34 -7.85 -15.10
N ALA A 274 -7.97 -6.74 -15.51
CA ALA A 274 -9.08 -6.17 -14.75
C ALA A 274 -10.25 -7.14 -14.69
N SER A 275 -10.50 -7.85 -15.79
CA SER A 275 -11.61 -8.79 -15.83
C SER A 275 -11.49 -9.94 -14.83
N TYR A 276 -10.28 -10.46 -14.67
CA TYR A 276 -10.10 -11.67 -13.88
C TYR A 276 -9.94 -11.35 -12.37
N LEU A 277 -9.58 -10.11 -12.05
CA LEU A 277 -9.42 -9.68 -10.66
C LEU A 277 -10.73 -9.23 -10.06
N ASP A 278 -10.90 -9.47 -8.76
CA ASP A 278 -12.01 -8.89 -8.03
C ASP A 278 -11.80 -7.40 -7.82
N PHE A 279 -10.60 -7.02 -7.39
CA PHE A 279 -10.26 -5.60 -7.45
C PHE A 279 -8.76 -5.41 -7.55
N ILE A 280 -8.39 -4.15 -7.78
CA ILE A 280 -7.07 -3.76 -8.20
C ILE A 280 -6.48 -2.77 -7.21
N ASN A 281 -5.41 -3.17 -6.53
CA ASN A 281 -4.74 -2.30 -5.59
C ASN A 281 -3.68 -1.47 -6.29
N LEU A 282 -4.05 -0.22 -6.59
CA LEU A 282 -3.17 0.67 -7.31
C LEU A 282 -2.10 1.22 -6.37
N MET A 283 -0.85 0.95 -6.68
CA MET A 283 0.24 1.38 -5.79
C MET A 283 0.60 2.84 -6.03
N ALA A 284 -0.34 3.71 -5.66
CA ALA A 284 -0.20 5.15 -5.89
C ALA A 284 0.72 5.81 -4.85
N TYR A 285 1.98 5.40 -4.89
CA TYR A 285 3.05 5.97 -4.08
C TYR A 285 4.38 5.58 -4.72
N ASP A 286 5.49 5.96 -4.08
CA ASP A 286 6.83 5.83 -4.67
C ASP A 286 6.95 6.50 -6.02
N PHE A 287 6.22 7.59 -6.23
CA PHE A 287 6.32 8.34 -7.48
C PHE A 287 7.69 9.00 -7.63
N HIS A 288 8.29 9.37 -6.51
CA HIS A 288 9.61 9.99 -6.47
C HIS A 288 10.35 9.50 -5.23
N GLY A 289 11.68 9.58 -5.26
CA GLY A 289 12.47 9.12 -4.15
C GLY A 289 13.95 9.30 -4.41
N LYS A 290 14.78 8.75 -3.53
CA LYS A 290 16.21 9.03 -3.53
C LYS A 290 16.93 8.54 -4.80
N TRP A 291 16.24 7.75 -5.61
CA TRP A 291 16.81 7.31 -6.88
C TRP A 291 16.83 8.45 -7.90
N GLU A 292 16.31 9.62 -7.52
CA GLU A 292 16.36 10.82 -8.37
C GLU A 292 17.22 11.92 -7.73
N ARG A 293 17.78 12.80 -8.57
CA ARG A 293 18.74 13.80 -8.14
C ARG A 293 18.12 15.10 -7.65
N GLU A 294 16.80 15.15 -7.57
CA GLU A 294 16.11 16.34 -7.07
C GLU A 294 14.95 15.88 -6.21
N THR A 295 14.46 16.75 -5.32
CA THR A 295 13.34 16.36 -4.46
C THR A 295 12.05 16.20 -5.26
N GLY A 296 11.24 15.21 -4.86
CA GLY A 296 9.94 14.99 -5.45
C GLY A 296 9.08 14.31 -4.41
N HIS A 297 7.76 14.45 -4.53
CA HIS A 297 6.87 13.91 -3.51
C HIS A 297 6.61 12.42 -3.76
N ASN A 298 6.52 11.67 -2.66
CA ASN A 298 6.21 10.24 -2.68
C ASN A 298 4.90 9.95 -3.41
N ALA A 299 3.91 10.85 -3.22
CA ALA A 299 2.56 10.59 -3.71
C ALA A 299 1.77 11.87 -4.02
N PRO A 300 2.21 12.65 -5.00
CA PRO A 300 1.46 13.88 -5.28
C PRO A 300 0.14 13.56 -5.97
N LEU A 301 -0.93 14.23 -5.57
CA LEU A 301 -2.21 14.03 -6.26
C LEU A 301 -2.10 14.56 -7.69
N TYR A 302 -1.55 15.76 -7.82
CA TYR A 302 -1.26 16.35 -9.13
C TYR A 302 0.22 16.68 -9.20
N ALA A 303 0.81 16.63 -10.39
CA ALA A 303 2.21 16.97 -10.60
C ALA A 303 2.42 18.49 -10.40
N PRO A 304 3.59 18.88 -9.88
CA PRO A 304 3.83 20.33 -9.83
C PRO A 304 4.06 20.89 -11.23
N SER A 305 3.85 22.20 -11.37
CA SER A 305 4.08 22.85 -12.66
C SER A 305 5.56 22.87 -13.08
N SER A 306 6.48 22.73 -12.12
CA SER A 306 7.90 22.70 -12.49
C SER A 306 8.29 21.37 -13.17
N ASP A 307 7.36 20.42 -13.21
CA ASP A 307 7.61 19.10 -13.83
C ASP A 307 7.74 19.19 -15.35
N SER A 308 8.76 18.52 -15.91
CA SER A 308 8.78 18.19 -17.35
C SER A 308 7.48 17.45 -17.67
N GLU A 309 7.01 17.50 -18.92
CA GLU A 309 5.68 16.92 -19.14
C GLU A 309 5.76 15.37 -19.15
N TRP A 310 6.96 14.83 -19.24
CA TRP A 310 7.19 13.41 -18.95
C TRP A 310 6.91 13.16 -17.48
N ARG A 311 7.53 14.02 -16.65
CA ARG A 311 7.45 13.92 -15.20
C ARG A 311 6.02 14.16 -14.70
N LYS A 312 5.19 14.87 -15.48
CA LYS A 312 3.80 15.12 -15.08
C LYS A 312 2.95 13.89 -15.05
N GLN A 313 3.37 12.86 -15.75
CA GLN A 313 2.69 11.60 -15.73
C GLN A 313 2.75 10.98 -14.35
N LEU A 314 3.69 11.46 -13.55
CA LEU A 314 3.92 10.88 -12.25
C LEU A 314 3.07 11.57 -11.18
N SER A 315 1.78 11.23 -11.16
CA SER A 315 0.88 11.67 -10.10
C SER A 315 -0.21 10.63 -9.87
N VAL A 316 -0.84 10.70 -8.72
CA VAL A 316 -1.94 9.81 -8.37
C VAL A 316 -3.07 10.00 -9.38
N ASP A 317 -3.38 11.24 -9.69
CA ASP A 317 -4.48 11.55 -10.60
C ASP A 317 -4.21 10.99 -11.98
N HIS A 318 -3.01 11.22 -12.52
CA HIS A 318 -2.70 10.71 -13.84
C HIS A 318 -2.71 9.18 -13.89
N ALA A 319 -2.15 8.55 -12.86
CA ALA A 319 -2.03 7.08 -12.85
C ALA A 319 -3.40 6.39 -12.78
N ALA A 320 -4.26 6.85 -11.88
CA ALA A 320 -5.58 6.23 -11.75
C ALA A 320 -6.38 6.37 -13.05
N HIS A 321 -6.31 7.54 -13.67
CA HIS A 321 -7.00 7.74 -14.93
C HIS A 321 -6.38 7.00 -16.10
N LEU A 322 -5.08 6.76 -16.05
CA LEU A 322 -4.46 5.92 -17.05
C LEU A 322 -5.03 4.49 -16.99
N TRP A 323 -5.12 3.90 -15.80
CA TRP A 323 -5.71 2.56 -15.68
C TRP A 323 -7.16 2.51 -16.23
N VAL A 324 -7.95 3.55 -15.98
CA VAL A 324 -9.30 3.62 -16.54
C VAL A 324 -9.24 3.67 -18.07
N LYS A 325 -8.41 4.56 -18.61
CA LYS A 325 -8.23 4.70 -20.04
C LYS A 325 -7.84 3.37 -20.68
N LEU A 326 -7.10 2.55 -19.95
CA LEU A 326 -6.62 1.28 -20.49
C LEU A 326 -7.64 0.16 -20.32
N GLY A 327 -8.74 0.45 -19.65
CA GLY A 327 -9.82 -0.52 -19.57
C GLY A 327 -10.11 -1.13 -18.22
N ALA A 328 -9.54 -0.57 -17.14
CA ALA A 328 -9.95 -0.98 -15.80
C ALA A 328 -11.24 -0.27 -15.39
N PRO A 329 -12.25 -1.04 -14.91
CA PRO A 329 -13.44 -0.42 -14.32
C PRO A 329 -13.07 0.47 -13.13
N LYS A 330 -13.68 1.65 -13.07
CA LYS A 330 -13.41 2.62 -12.01
C LYS A 330 -13.62 2.01 -10.66
N GLU A 331 -14.70 1.23 -10.52
CA GLU A 331 -15.06 0.71 -9.20
C GLU A 331 -14.10 -0.39 -8.75
N LYS A 332 -13.32 -0.96 -9.67
CA LYS A 332 -12.35 -1.99 -9.28
C LYS A 332 -11.03 -1.37 -8.81
N LEU A 333 -10.88 -0.07 -9.01
CA LEU A 333 -9.62 0.58 -8.70
C LEU A 333 -9.64 1.09 -7.27
N ILE A 334 -8.80 0.47 -6.44
CA ILE A 334 -8.63 0.87 -5.05
C ILE A 334 -7.30 1.62 -4.95
N ILE A 335 -7.37 2.91 -4.62
CA ILE A 335 -6.21 3.78 -4.79
C ILE A 335 -5.33 3.77 -3.54
N GLY A 336 -4.08 3.35 -3.72
CA GLY A 336 -3.12 3.31 -2.63
C GLY A 336 -2.89 4.63 -1.95
N MET A 337 -2.71 4.56 -0.63
CA MET A 337 -2.38 5.69 0.24
C MET A 337 -1.21 5.32 1.17
N PRO A 338 -0.11 6.07 1.12
CA PRO A 338 1.08 5.76 1.92
C PRO A 338 1.04 6.36 3.33
N THR A 339 1.24 5.53 4.35
CA THR A 339 1.47 6.04 5.69
C THR A 339 2.98 6.19 5.91
N TYR A 340 3.66 6.64 4.86
CA TYR A 340 5.08 6.88 4.94
C TYR A 340 5.41 7.98 3.95
N GLY A 341 6.60 8.54 4.09
CA GLY A 341 7.09 9.50 3.13
C GLY A 341 8.44 9.09 2.59
N ARG A 342 8.87 9.75 1.51
CA ARG A 342 10.21 9.55 0.99
C ARG A 342 11.08 10.81 1.19
N THR A 343 12.34 10.55 1.52
CA THR A 343 13.24 11.59 2.03
C THR A 343 14.46 11.84 1.16
N PHE A 344 14.95 13.07 1.25
CA PHE A 344 16.11 13.52 0.51
C PHE A 344 17.02 14.29 1.45
N THR A 345 18.31 14.36 1.11
CA THR A 345 19.19 15.34 1.72
C THR A 345 19.37 16.44 0.69
N LEU A 346 18.98 17.66 1.05
CA LEU A 346 19.11 18.80 0.13
C LEU A 346 20.58 19.10 -0.15
N SER A 347 20.93 19.38 -1.39
CA SER A 347 22.29 19.82 -1.69
C SER A 347 22.57 21.16 -1.01
N ASN A 348 21.53 21.99 -0.88
CA ASN A 348 21.63 23.30 -0.23
C ASN A 348 20.37 23.55 0.59
N PRO A 349 20.50 23.67 1.92
CA PRO A 349 19.31 23.78 2.77
C PRO A 349 18.44 25.02 2.48
N ASN A 350 18.97 25.97 1.73
CA ASN A 350 18.22 27.18 1.38
C ASN A 350 17.33 26.96 0.15
N ASN A 351 17.66 25.94 -0.64
CA ASN A 351 16.82 25.52 -1.76
C ASN A 351 16.05 24.24 -1.40
N PHE A 352 14.84 24.43 -0.86
CA PHE A 352 14.07 23.39 -0.19
C PHE A 352 12.67 23.15 -0.76
N LYS A 353 12.37 23.73 -1.91
CA LYS A 353 11.06 23.51 -2.51
C LYS A 353 11.09 22.18 -3.25
N VAL A 354 9.93 21.72 -3.74
CA VAL A 354 9.88 20.52 -4.57
C VAL A 354 10.73 20.79 -5.82
N ASN A 355 11.36 19.74 -6.34
CA ASN A 355 12.27 19.82 -7.49
C ASN A 355 13.55 20.63 -7.20
N SER A 356 14.00 20.58 -5.95
CA SER A 356 15.29 21.17 -5.56
C SER A 356 16.40 20.11 -5.61
N PRO A 357 17.63 20.52 -6.00
CA PRO A 357 18.74 19.56 -6.06
C PRO A 357 18.95 18.82 -4.74
N ALA A 358 19.17 17.50 -4.85
CA ALA A 358 19.38 16.66 -3.69
C ALA A 358 20.69 15.91 -3.86
N SER A 359 21.37 15.61 -2.75
CA SER A 359 22.64 14.89 -2.84
C SER A 359 22.42 13.38 -2.62
N GLY A 360 21.22 13.02 -2.20
CA GLY A 360 20.90 11.63 -1.94
C GLY A 360 19.70 11.53 -1.02
N GLY A 361 19.49 10.34 -0.46
CA GLY A 361 18.36 10.11 0.42
C GLY A 361 18.52 10.78 1.76
N GLY A 362 17.41 10.96 2.47
CA GLY A 362 17.43 11.53 3.80
C GLY A 362 17.97 10.49 4.77
N LYS A 363 18.41 10.94 5.93
CA LYS A 363 18.93 10.05 6.95
C LYS A 363 17.84 9.11 7.46
N ALA A 364 18.23 7.89 7.79
CA ALA A 364 17.30 6.85 8.22
C ALA A 364 16.59 7.22 9.50
N GLY A 365 15.35 6.74 9.63
CA GLY A 365 14.60 6.91 10.85
C GLY A 365 15.05 5.89 11.89
N GLU A 366 14.78 6.20 13.15
CA GLU A 366 15.17 5.34 14.26
C GLU A 366 14.46 4.00 14.21
N TYR A 367 13.21 4.00 13.74
CA TYR A 367 12.40 2.79 13.79
C TYR A 367 12.33 2.04 12.47
N THR A 368 12.37 2.73 11.35
CA THR A 368 12.29 2.01 10.08
C THR A 368 13.70 1.79 9.52
N LYS A 369 14.66 2.55 10.02
CA LYS A 369 16.08 2.29 9.78
C LYS A 369 16.46 2.13 8.31
N GLU A 370 15.90 2.96 7.45
CA GLU A 370 16.21 2.89 6.02
C GLU A 370 16.31 4.28 5.39
N SER A 371 17.50 4.62 4.90
CA SER A 371 17.72 5.86 4.20
C SER A 371 16.75 6.03 3.05
N GLY A 372 16.07 7.19 3.00
CA GLY A 372 15.20 7.53 1.89
C GLY A 372 13.74 7.34 2.25
N PHE A 373 13.49 6.89 3.46
CA PHE A 373 12.19 6.41 3.87
C PHE A 373 11.92 6.82 5.31
N LEU A 374 10.68 7.24 5.60
CA LEU A 374 10.23 7.36 6.98
C LEU A 374 8.77 6.99 7.12
N ALA A 375 8.43 6.35 8.24
CA ALA A 375 7.02 6.11 8.59
C ALA A 375 6.34 7.45 8.90
N TYR A 376 5.01 7.49 8.82
CA TYR A 376 4.29 8.71 9.14
C TYR A 376 4.63 9.17 10.56
N TYR A 377 4.67 8.23 11.51
CA TYR A 377 4.92 8.61 12.89
C TYR A 377 6.36 9.11 13.12
N GLU A 378 7.29 8.72 12.26
CA GLU A 378 8.62 9.30 12.30
C GLU A 378 8.59 10.72 11.76
N VAL A 379 7.76 10.98 10.73
CA VAL A 379 7.62 12.35 10.22
C VAL A 379 7.01 13.26 11.29
N CYS A 380 6.07 12.71 12.05
CA CYS A 380 5.44 13.43 13.15
C CYS A 380 6.44 13.92 14.19
N GLU A 381 7.40 13.06 14.53
CA GLU A 381 8.42 13.41 15.52
C GLU A 381 9.25 14.60 15.04
N ILE A 382 9.58 14.58 13.75
CA ILE A 382 10.27 15.70 13.13
C ILE A 382 9.49 17.00 13.29
N LEU A 383 8.20 16.96 12.95
CA LEU A 383 7.34 18.15 12.94
C LEU A 383 7.11 18.67 14.34
N ARG A 384 7.24 17.79 15.32
CA ARG A 384 7.07 18.17 16.70
C ARG A 384 8.39 18.52 17.38
N ASN A 385 9.46 18.55 16.60
CA ASN A 385 10.78 18.85 17.15
C ASN A 385 11.56 19.80 16.27
N GLY A 386 10.87 20.80 15.74
CA GLY A 386 11.51 21.90 15.05
C GLY A 386 11.39 21.91 13.54
N GLY A 387 10.87 20.82 12.96
CA GLY A 387 10.73 20.74 11.52
C GLY A 387 9.73 21.76 10.97
N ALA A 388 10.00 22.25 9.76
CA ALA A 388 9.07 23.15 9.08
C ALA A 388 8.10 22.36 8.21
N TYR A 389 6.85 22.80 8.17
CA TYR A 389 5.78 22.19 7.37
C TYR A 389 5.43 23.09 6.18
N VAL A 390 5.40 22.51 4.98
CA VAL A 390 4.94 23.22 3.79
C VAL A 390 3.78 22.47 3.13
N TRP A 391 2.68 23.18 2.88
CA TRP A 391 1.61 22.65 2.05
C TRP A 391 1.77 23.09 0.61
N ASP A 392 1.87 22.13 -0.31
CA ASP A 392 1.96 22.46 -1.73
C ASP A 392 0.58 22.38 -2.36
N ASP A 393 0.04 23.54 -2.73
CA ASP A 393 -1.35 23.62 -3.16
C ASP A 393 -1.50 23.21 -4.62
N GLU A 394 -0.38 23.01 -5.31
CA GLU A 394 -0.44 22.43 -6.64
C GLU A 394 -0.61 20.92 -6.53
N MET A 395 0.27 20.28 -5.74
CA MET A 395 0.27 18.83 -5.59
C MET A 395 -0.75 18.33 -4.60
N LYS A 396 -1.29 19.25 -3.79
CA LYS A 396 -2.22 18.93 -2.72
C LYS A 396 -1.64 17.94 -1.72
N VAL A 397 -0.34 18.06 -1.46
CA VAL A 397 0.32 17.24 -0.43
C VAL A 397 1.35 18.10 0.31
N PRO A 398 1.69 17.68 1.54
CA PRO A 398 2.72 18.44 2.27
C PRO A 398 4.12 17.85 2.13
N TYR A 399 5.11 18.68 2.43
CA TYR A 399 6.43 18.18 2.75
C TYR A 399 7.00 18.90 3.96
N ALA A 400 7.97 18.24 4.59
CA ALA A 400 8.59 18.78 5.79
C ALA A 400 10.08 18.97 5.57
N ILE A 401 10.63 20.05 6.15
CA ILE A 401 12.05 20.33 6.07
C ILE A 401 12.62 20.50 7.48
N HIS A 402 13.81 19.95 7.70
CA HIS A 402 14.52 20.18 8.94
C HIS A 402 16.01 20.21 8.60
N GLY A 403 16.58 21.41 8.56
CA GLY A 403 17.94 21.55 8.09
C GLY A 403 18.00 21.18 6.63
N ASP A 404 18.89 20.25 6.27
CA ASP A 404 18.98 19.82 4.88
C ASP A 404 18.18 18.54 4.65
N GLN A 405 17.33 18.20 5.61
CA GLN A 405 16.47 17.02 5.53
C GLN A 405 15.09 17.40 4.99
N TRP A 406 14.66 16.69 3.94
CA TRP A 406 13.42 16.97 3.20
C TRP A 406 12.58 15.71 3.13
N VAL A 407 11.31 15.76 3.58
CA VAL A 407 10.44 14.60 3.45
C VAL A 407 9.07 14.94 2.83
N GLY A 408 8.73 14.26 1.73
CA GLY A 408 7.41 14.32 1.14
C GLY A 408 6.53 13.21 1.69
N PHE A 409 5.41 13.58 2.30
CA PHE A 409 4.59 12.61 3.01
C PHE A 409 3.12 12.97 2.87
N ASP A 410 2.25 12.14 3.42
CA ASP A 410 0.83 12.43 3.49
C ASP A 410 0.36 12.67 4.92
N ASP A 411 -0.46 13.71 5.09
CA ASP A 411 -1.01 13.98 6.42
C ASP A 411 -2.53 13.91 6.37
N GLU A 412 -3.19 14.25 7.47
CA GLU A 412 -4.64 14.11 7.54
C GLU A 412 -5.32 14.98 6.47
N LYS A 413 -4.72 16.12 6.20
CA LYS A 413 -5.21 17.05 5.20
C LYS A 413 -5.10 16.48 3.77
N SER A 414 -3.94 15.94 3.41
CA SER A 414 -3.77 15.46 2.04
C SER A 414 -4.59 14.19 1.84
N ILE A 415 -4.71 13.40 2.91
CA ILE A 415 -5.44 12.13 2.86
C ILE A 415 -6.95 12.40 2.69
N ARG A 416 -7.49 13.33 3.46
CA ARG A 416 -8.91 13.68 3.31
C ARG A 416 -9.21 14.20 1.91
N ASN A 417 -8.32 15.04 1.38
CA ASN A 417 -8.50 15.59 0.04
C ASN A 417 -8.44 14.49 -1.02
N LYS A 418 -7.60 13.48 -0.79
CA LYS A 418 -7.52 12.35 -1.71
C LYS A 418 -8.80 11.50 -1.60
N MET A 419 -9.38 11.42 -0.42
CA MET A 419 -10.64 10.69 -0.24
C MET A 419 -11.76 11.37 -1.03
N ARG A 420 -11.78 12.70 -1.01
CA ARG A 420 -12.78 13.43 -1.77
C ARG A 420 -12.59 13.19 -3.27
N TRP A 421 -11.34 13.15 -3.71
CA TRP A 421 -11.00 12.87 -5.10
C TRP A 421 -11.38 11.43 -5.49
N ILE A 422 -11.31 10.51 -4.52
CA ILE A 422 -11.72 9.12 -4.76
C ILE A 422 -13.23 9.09 -5.05
N LYS A 423 -13.98 9.76 -4.19
CA LYS A 423 -15.42 9.88 -4.38
C LYS A 423 -15.78 10.62 -5.67
N ASP A 424 -15.17 11.78 -5.89
CA ASP A 424 -15.47 12.58 -7.07
C ASP A 424 -15.22 11.83 -8.38
N ASN A 425 -14.31 10.86 -8.33
CA ASN A 425 -13.95 10.10 -9.53
C ASN A 425 -14.55 8.70 -9.53
N SER A 426 -15.31 8.38 -8.48
CA SER A 426 -15.99 7.08 -8.39
C SER A 426 -15.07 5.86 -8.41
N PHE A 427 -13.90 5.96 -7.78
CA PHE A 427 -13.05 4.79 -7.66
C PHE A 427 -13.58 3.91 -6.54
N GLY A 428 -13.05 2.70 -6.41
CA GLY A 428 -13.63 1.70 -5.52
C GLY A 428 -13.33 1.84 -4.04
N GLY A 429 -12.35 2.66 -3.70
CA GLY A 429 -11.98 2.85 -2.31
C GLY A 429 -10.50 3.17 -2.15
N ALA A 430 -10.01 3.05 -0.92
CA ALA A 430 -8.62 3.35 -0.62
C ALA A 430 -7.90 2.11 -0.13
N MET A 431 -6.65 2.00 -0.55
CA MET A 431 -5.75 0.96 -0.09
C MET A 431 -4.63 1.63 0.72
N VAL A 432 -4.15 0.95 1.76
CA VAL A 432 -3.17 1.59 2.63
C VAL A 432 -1.87 0.80 2.75
N TRP A 433 -0.76 1.43 2.37
CA TRP A 433 0.55 0.88 2.69
C TRP A 433 1.25 1.79 3.72
N THR A 434 1.28 1.45 5.01
CA THR A 434 0.73 0.25 5.62
C THR A 434 -0.09 0.59 6.86
N VAL A 435 -0.77 -0.40 7.42
CA VAL A 435 -1.49 -0.23 8.67
C VAL A 435 -0.49 -0.01 9.83
N ASP A 436 0.74 -0.52 9.69
CA ASP A 436 1.70 -0.44 10.78
C ASP A 436 2.58 0.83 10.82
N MET A 437 2.38 1.76 9.89
CA MET A 437 3.14 3.01 9.91
C MET A 437 2.27 4.26 10.09
N ASP A 438 0.96 4.09 10.18
CA ASP A 438 0.07 5.12 10.74
C ASP A 438 0.46 5.38 12.20
N ASP A 439 -0.10 6.40 12.84
CA ASP A 439 0.12 6.58 14.28
C ASP A 439 -0.86 5.67 15.06
N PHE A 440 -0.54 4.37 15.07
CA PHE A 440 -1.47 3.33 15.51
C PHE A 440 -1.72 3.35 17.02
N SER A 441 -0.72 3.76 17.79
CA SER A 441 -0.86 3.92 19.24
C SER A 441 -1.66 5.18 19.58
N GLY A 442 -1.67 6.15 18.67
CA GLY A 442 -2.33 7.42 18.92
C GLY A 442 -1.49 8.35 19.77
N GLY A 443 -0.29 7.90 20.14
CA GLY A 443 0.55 8.64 21.07
C GLY A 443 1.65 9.50 20.48
N VAL A 444 1.91 9.38 19.18
CA VAL A 444 3.08 10.06 18.63
C VAL A 444 2.79 11.42 17.94
N CYS A 445 1.66 11.56 17.25
CA CYS A 445 1.52 12.77 16.43
C CYS A 445 0.90 13.97 17.16
N GLY A 446 0.25 13.71 18.28
CA GLY A 446 -0.16 14.80 19.16
C GLY A 446 -1.65 15.02 19.27
N GLY A 447 -2.43 14.39 18.40
CA GLY A 447 -3.86 14.59 18.37
C GLY A 447 -4.59 13.58 19.23
N ASN A 448 -3.81 12.67 19.82
CA ASN A 448 -4.31 11.57 20.64
C ASN A 448 -5.44 10.81 19.97
N VAL A 449 -5.20 10.42 18.71
CA VAL A 449 -6.14 9.62 17.93
C VAL A 449 -5.39 8.41 17.38
N LYS A 450 -5.85 7.23 17.75
CA LYS A 450 -5.31 6.01 17.17
C LYS A 450 -5.68 5.97 15.69
N TYR A 451 -4.67 5.75 14.84
CA TYR A 451 -4.86 5.69 13.39
C TYR A 451 -5.46 6.96 12.79
N PRO A 452 -4.76 8.10 12.93
CA PRO A 452 -5.30 9.33 12.36
C PRO A 452 -5.47 9.31 10.84
N LEU A 453 -4.54 8.68 10.11
CA LEU A 453 -4.63 8.73 8.66
C LEU A 453 -5.70 7.76 8.17
N ILE A 454 -5.59 6.50 8.58
CA ILE A 454 -6.56 5.49 8.13
C ILE A 454 -7.93 5.77 8.73
N GLY A 455 -7.95 6.25 9.98
CA GLY A 455 -9.21 6.72 10.57
C GLY A 455 -9.89 7.79 9.72
N ALA A 456 -9.10 8.71 9.18
CA ALA A 456 -9.62 9.74 8.27
C ALA A 456 -10.18 9.16 6.98
N MET A 457 -9.52 8.13 6.46
CA MET A 457 -9.98 7.45 5.26
C MET A 457 -11.35 6.84 5.47
N ARG A 458 -11.51 6.16 6.61
CA ARG A 458 -12.74 5.47 6.93
C ARG A 458 -13.87 6.45 7.19
N GLU A 459 -13.51 7.63 7.68
CA GLU A 459 -14.47 8.67 8.02
C GLU A 459 -15.04 9.25 6.74
N GLU A 460 -14.14 9.68 5.86
CA GLU A 460 -14.52 10.26 4.60
C GLU A 460 -15.25 9.28 3.67
N LEU A 461 -14.86 8.00 3.68
CA LEU A 461 -15.39 7.07 2.69
C LEU A 461 -16.57 6.28 3.23
N ARG A 462 -16.55 5.95 4.51
CA ARG A 462 -17.59 5.10 5.06
C ARG A 462 -18.40 5.80 6.17
N GLY A 463 -18.11 7.07 6.40
CA GLY A 463 -18.92 7.88 7.32
C GLY A 463 -18.84 7.50 8.78
N ILE A 464 -17.72 6.88 9.17
CA ILE A 464 -17.55 6.43 10.54
C ILE A 464 -16.61 7.37 11.29
N SER A 465 -17.10 7.94 12.40
CA SER A 465 -16.33 8.93 13.14
C SER A 465 -15.09 8.30 13.78
N ARG A 466 -14.01 9.07 13.88
CA ARG A 466 -12.81 8.59 14.59
C ARG A 466 -12.97 8.70 16.12
N GLY A 467 -14.07 9.29 16.58
CA GLY A 467 -14.30 9.40 18.00
C GLY A 467 -14.64 10.80 18.45
N LYS A 468 -15.04 10.90 19.71
CA LYS A 468 -15.60 12.12 20.31
C LYS A 468 -14.87 13.42 19.94
N ASP A 469 -13.64 13.59 20.40
CA ASP A 469 -12.91 14.83 20.13
C ASP A 469 -11.71 14.61 19.21
N ALA A 470 -11.90 13.80 18.17
CA ALA A 470 -10.82 13.48 17.24
C ALA A 470 -10.61 14.62 16.22
N LYS A 471 -9.57 15.41 16.44
CA LYS A 471 -9.29 16.55 15.58
C LYS A 471 -7.99 16.35 14.81
N ASP A 472 -7.99 16.71 13.52
CA ASP A 472 -6.78 16.68 12.70
C ASP A 472 -5.70 17.56 13.31
N VAL A 473 -4.46 17.10 13.29
CA VAL A 473 -3.36 17.97 13.69
C VAL A 473 -3.21 19.02 12.61
N ASP A 474 -3.21 20.28 13.02
CA ASP A 474 -3.05 21.40 12.09
C ASP A 474 -1.57 21.73 12.04
N TRP A 475 -0.84 21.11 11.12
CA TRP A 475 0.62 21.21 11.15
C TRP A 475 1.11 22.62 10.83
N ALA A 476 0.32 23.37 10.06
CA ALA A 476 0.68 24.74 9.72
C ALA A 476 0.79 25.62 10.96
N SER A 477 0.06 25.27 12.02
CA SER A 477 0.15 25.99 13.29
C SER A 477 1.16 25.35 14.23
N VAL A 478 1.12 24.01 14.31
CA VAL A 478 1.98 23.27 15.23
C VAL A 478 3.46 23.41 14.90
N ALA A 479 3.79 23.23 13.62
CA ALA A 479 5.19 23.20 13.22
C ALA A 479 5.65 24.57 12.75
N ALA A 480 6.96 24.69 12.53
CA ALA A 480 7.54 25.91 12.01
C ALA A 480 7.13 26.13 10.56
N SER A 481 7.43 27.31 10.04
CA SER A 481 7.15 27.64 8.64
C SER A 481 8.42 28.14 7.98
N VAL A 482 8.39 28.24 6.65
CA VAL A 482 9.55 28.70 5.90
C VAL A 482 9.45 30.19 5.58
C1 NAG B . 4.78 -1.80 -1.82
C2 NAG B . 5.39 -3.16 -2.07
C3 NAG B . 6.48 -3.47 -0.99
C4 NAG B . 7.34 -2.25 -0.64
C5 NAG B . 6.47 -1.00 -0.57
C6 NAG B . 7.26 0.30 -0.42
C7 NAG B . 3.28 -4.46 -2.72
C8 NAG B . 2.02 -4.79 -2.01
N2 NAG B . 4.22 -4.01 -1.89
O1 NAG B . 3.64 -1.58 -2.58
O3 NAG B . 7.33 -4.55 -1.39
O4 NAG B . 8.04 -2.39 0.61
O5 NAG B . 5.73 -0.86 -1.79
O6 NAG B . 7.59 0.85 -1.69
O7 NAG B . 3.53 -4.96 -3.83
C1 NAG B . 9.29 -3.13 0.97
C2 NAG B . 10.06 -2.94 2.33
C3 NAG B . 11.12 -4.05 2.49
C4 NAG B . 10.53 -5.46 2.38
C5 NAG B . 9.86 -5.54 0.99
C6 NAG B . 9.22 -6.89 0.68
C7 NAG B . 10.42 -0.37 2.25
C8 NAG B . 11.22 0.76 2.98
N2 NAG B . 10.59 -1.61 2.79
O3 NAG B . 11.76 -3.78 3.72
O4 NAG B . 11.51 -6.48 2.62
O5 NAG B . 8.84 -4.55 0.87
O6 NAG B . 8.54 -6.80 -0.55
O7 NAG B . 9.64 -0.13 1.38
C1 NAG B . 11.62 -6.97 4.01
C2 NAG B . 12.37 -8.30 4.56
C3 NAG B . 12.11 -8.32 6.03
C4 NAG B . 12.97 -7.24 6.67
C5 NAG B . 12.41 -5.87 6.28
C6 NAG B . 13.35 -4.78 6.74
C7 NAG B . 12.91 -10.38 3.20
C8 NAG B . 12.76 -11.87 3.33
N2 NAG B . 12.18 -9.65 4.05
O3 NAG B . 12.40 -9.63 6.51
O4 NAG B . 13.01 -7.44 8.08
O5 NAG B . 12.18 -5.70 4.85
O6 NAG B . 12.98 -3.53 6.17
O7 NAG B . 13.40 -9.88 2.19
C1 NAG C . 16.19 5.96 -12.48
C2 NAG C . 16.35 4.72 -11.59
C3 NAG C . 15.10 3.85 -11.67
C4 NAG C . 13.86 4.70 -11.45
C5 NAG C . 13.72 5.71 -12.59
C6 NAG C . 13.31 7.09 -12.12
C7 NAG C . 18.56 3.75 -11.14
C8 NAG C . 19.71 2.95 -11.71
N2 NAG C . 17.53 3.96 -11.97
O1 NAG C . 16.25 7.13 -11.72
O3 NAG C . 15.19 2.83 -10.67
O4 NAG C . 12.67 3.91 -11.35
O5 NAG C . 14.97 5.83 -13.30
O6 NAG C . 13.33 8.03 -13.19
O7 NAG C . 18.58 4.19 -9.99
C1 NAG C . 12.35 3.95 -9.93
C2 NAG C . 10.90 3.58 -9.58
C3 NAG C . 10.73 3.51 -8.06
C4 NAG C . 11.82 2.66 -7.41
C5 NAG C . 13.20 3.09 -7.90
C6 NAG C . 14.32 2.20 -7.40
C7 NAG C . 8.64 4.38 -10.21
C8 NAG C . 7.86 5.48 -10.87
N2 NAG C . 9.97 4.53 -10.17
O3 NAG C . 9.45 2.99 -7.72
O4 NAG C . 11.76 2.83 -6.00
O5 NAG C . 13.25 3.02 -9.33
O6 NAG C . 15.50 2.42 -8.14
O7 NAG C . 8.08 3.38 -9.75
C1 NAG C . 11.62 1.56 -5.36
C2 NAG C . 12.30 1.56 -3.97
C3 NAG C . 11.95 0.28 -3.20
C4 NAG C . 10.43 0.03 -3.23
C5 NAG C . 9.99 -0.01 -4.68
C6 NAG C . 8.51 -0.27 -4.86
C7 NAG C . 14.48 2.59 -3.44
C8 NAG C . 15.95 2.57 -3.74
N2 NAG C . 13.74 1.68 -4.09
O3 NAG C . 12.40 0.37 -1.85
O4 NAG C . 10.11 -1.20 -2.58
O5 NAG C . 10.25 1.28 -5.24
O6 NAG C . 7.99 0.46 -5.95
O7 NAG C . 14.00 3.39 -2.66
#